data_4FZX
#
_entry.id   4FZX
#
_cell.length_a   33.475
_cell.length_b   107.927
_cell.length_c   117.124
_cell.angle_alpha   90.00
_cell.angle_beta   90.00
_cell.angle_gamma   90.00
#
_symmetry.space_group_name_H-M   'P 21 21 21'
#
loop_
_entity.id
_entity.type
_entity.pdbx_description
1 polymer "DNA (5'-D(P*GP*TP*CP*AP*TP*TP*GP*TP*GP*GP*AP*TP*CP*CP*GP*AP*G)-3')"
2 polymer "DNA (5'-D(P*CP*GP*GP*AP*TP*CP*CP*AP*CP*AP*AP*TP*GP*AP*CP*CP*T)-3')"
3 polymer 'Exodeoxyribonuclease 10'
4 non-polymer 'SODIUM ION'
5 water water
#
loop_
_entity_poly.entity_id
_entity_poly.type
_entity_poly.pdbx_seq_one_letter_code
_entity_poly.pdbx_strand_id
1 'polydeoxyribonucleotide' (DG)(DT)(DC)(DA)(DT)(DT)(DG)(DT)(DG)(DG)(DA)(DT)(DC)(DC)(DG)(DA)(DG) B
2 'polydeoxyribonucleotide' (DC)(DG)(DG)(DA)(DT)(DC)(DC)(DA)(DC)(DA)(DA)(DT)(DG)(DA)(DC)(DC)(DT) A
3 'polypeptide(L)'
;(MSE)LRIIDTETCGLQGGIVEIASVDVIDGKIVNP(MSE)SHLVRPDRPISPQA(MSE)AIHRITEA(MSE)VADKPWI
EDVIPHYYGSEWYVAHNASFDRRVLPE(MSE)PGEWICT(MSE)KLARRLWPGIKYSN(MSE)ALYKTRKLNVQTPPGLH
HHRALYDCYITAALLIDI(MSE)NTSGWTAEQ(MSE)ADITGRLEHHHHHH
;
C,D
#
loop_
_chem_comp.id
_chem_comp.type
_chem_comp.name
_chem_comp.formula
DA DNA linking 2'-DEOXYADENOSINE-5'-MONOPHOSPHATE 'C10 H14 N5 O6 P'
DC DNA linking 2'-DEOXYCYTIDINE-5'-MONOPHOSPHATE 'C9 H14 N3 O7 P'
DG DNA linking 2'-DEOXYGUANOSINE-5'-MONOPHOSPHATE 'C10 H14 N5 O7 P'
DT DNA linking THYMIDINE-5'-MONOPHOSPHATE 'C10 H15 N2 O8 P'
NA non-polymer 'SODIUM ION' 'Na 1'
#
# COMPACT_ATOMS: atom_id res chain seq x y z
N MSE C 1 -9.24 -11.23 31.77
CA MSE C 1 -9.41 -10.00 32.58
C MSE C 1 -8.39 -8.94 32.16
O MSE C 1 -7.18 -9.18 32.15
CB MSE C 1 -9.25 -10.30 34.07
CG MSE C 1 -9.53 -9.10 34.96
SE MSE C 1 -7.91 -8.05 35.33
CE MSE C 1 -7.26 -9.07 36.88
N LEU C 2 -8.88 -7.73 31.86
CA LEU C 2 -8.02 -6.61 31.55
C LEU C 2 -8.11 -5.58 32.66
N ARG C 3 -6.96 -5.11 33.13
CA ARG C 3 -6.96 -4.09 34.16
C ARG C 3 -6.72 -2.71 33.55
N ILE C 4 -7.74 -1.86 33.65
CA ILE C 4 -7.63 -0.51 33.14
C ILE C 4 -6.98 0.33 34.21
N ILE C 5 -5.97 1.10 33.81
CA ILE C 5 -5.18 1.94 34.73
C ILE C 5 -5.27 3.40 34.31
N ASP C 6 -5.36 4.30 35.29
CA ASP C 6 -5.15 5.72 35.04
C ASP C 6 -4.36 6.36 36.16
N THR C 7 -3.62 7.42 35.78
CA THR C 7 -2.68 8.08 36.67
C THR C 7 -2.84 9.61 36.43
N GLU C 8 -3.09 10.36 37.49
CA GLU C 8 -2.93 11.81 37.40
C GLU C 8 -1.59 12.19 38.03
N THR C 9 -0.98 13.24 37.49
CA THR C 9 0.45 13.51 37.69
C THR C 9 0.71 14.99 37.98
N CYS C 10 1.93 15.30 38.38
CA CYS C 10 2.35 16.67 38.60
C CYS C 10 2.57 17.41 37.29
N GLY C 11 2.48 16.71 36.18
CA GLY C 11 2.81 17.29 34.88
C GLY C 11 3.22 16.18 33.95
N LEU C 12 3.73 16.55 32.78
CA LEU C 12 3.88 15.61 31.69
C LEU C 12 5.17 14.81 31.81
N GLN C 13 6.10 15.28 32.65
CA GLN C 13 7.28 14.50 33.00
C GLN C 13 7.06 13.50 34.13
N GLY C 14 5.90 13.57 34.80
CA GLY C 14 5.60 12.61 35.86
C GLY C 14 5.46 13.21 37.26
N GLY C 15 5.70 12.38 38.27
CA GLY C 15 5.23 12.67 39.62
C GLY C 15 3.75 12.33 39.76
N ILE C 16 3.44 11.42 40.67
CA ILE C 16 2.13 10.80 40.73
C ILE C 16 1.35 11.37 41.89
N VAL C 17 0.13 11.83 41.62
CA VAL C 17 -0.73 12.34 42.68
C VAL C 17 -1.96 11.48 42.88
N GLU C 18 -2.30 10.68 41.86
CA GLU C 18 -3.39 9.72 41.98
C GLU C 18 -3.18 8.54 41.03
N ILE C 19 -3.59 7.36 41.46
CA ILE C 19 -3.68 6.22 40.55
C ILE C 19 -4.97 5.46 40.85
N ALA C 20 -5.47 4.78 39.83
CA ALA C 20 -6.71 4.01 39.98
C ALA C 20 -6.76 2.92 38.92
N SER C 21 -7.64 1.93 39.13
CA SER C 21 -7.91 0.92 38.11
C SER C 21 -9.31 0.31 38.23
N VAL C 22 -9.80 -0.25 37.12
CA VAL C 22 -10.91 -1.17 37.17
C VAL C 22 -10.56 -2.39 36.33
N ASP C 23 -11.29 -3.48 36.54
CA ASP C 23 -11.07 -4.67 35.73
C ASP C 23 -12.26 -4.85 34.81
N VAL C 24 -11.98 -5.24 33.57
CA VAL C 24 -13.01 -5.65 32.65
C VAL C 24 -13.01 -7.16 32.51
N ILE C 25 -14.09 -7.79 32.93
CA ILE C 25 -14.24 -9.24 32.89
C ILE C 25 -15.60 -9.54 32.26
N ASP C 26 -15.61 -10.20 31.11
CA ASP C 26 -16.85 -10.64 30.49
C ASP C 26 -17.76 -9.45 30.22
N GLY C 27 -17.17 -8.39 29.68
CA GLY C 27 -17.89 -7.18 29.32
C GLY C 27 -18.47 -6.40 30.49
N LYS C 28 -18.03 -6.71 31.71
CA LYS C 28 -18.46 -5.96 32.88
C LYS C 28 -17.29 -5.30 33.57
N ILE C 29 -17.57 -4.18 34.25
CA ILE C 29 -16.55 -3.44 35.01
C ILE C 29 -16.65 -3.68 36.51
N VAL C 30 -15.56 -4.17 37.10
CA VAL C 30 -15.59 -4.62 38.48
C VAL C 30 -14.27 -4.29 39.18
N ASN C 31 -14.24 -4.44 40.50
CA ASN C 31 -13.00 -4.36 41.28
C ASN C 31 -12.32 -2.99 41.17
N PRO C 32 -13.07 -1.92 41.46
CA PRO C 32 -12.51 -0.55 41.49
C PRO C 32 -11.47 -0.35 42.61
N MSE C 33 -10.45 0.44 42.31
CA MSE C 33 -9.37 0.70 43.24
C MSE C 33 -8.82 2.11 42.91
O MSE C 33 -8.65 2.42 41.75
CB MSE C 33 -8.27 -0.35 43.03
CG MSE C 33 -7.13 -0.29 44.02
SE MSE C 33 -5.85 -1.78 43.82
CE MSE C 33 -7.03 -3.28 44.06
N SER C 34 -8.59 2.93 43.92
CA SER C 34 -7.91 4.21 43.72
C SER C 34 -7.12 4.60 44.94
N HIS C 35 -6.02 5.31 44.69
CA HIS C 35 -5.27 5.90 45.77
C HIS C 35 -4.85 7.29 45.34
N LEU C 36 -5.00 8.24 46.26
CA LEU C 36 -4.23 9.46 46.19
C LEU C 36 -2.80 9.18 46.64
N VAL C 37 -1.86 9.89 46.04
CA VAL C 37 -0.47 9.56 46.16
C VAL C 37 0.35 10.81 46.41
N ARG C 38 1.32 10.72 47.31
CA ARG C 38 2.27 11.79 47.53
C ARG C 38 3.35 11.81 46.43
N PRO C 39 3.44 12.91 45.69
CA PRO C 39 4.31 12.89 44.51
C PRO C 39 5.78 13.13 44.88
N ASP C 40 6.68 12.80 43.96
CA ASP C 40 8.11 12.95 44.21
C ASP C 40 8.56 14.39 43.90
N ARG C 41 7.61 15.27 43.62
CA ARG C 41 7.92 16.60 43.14
C ARG C 41 6.70 17.50 43.26
N PRO C 42 6.88 18.82 43.13
CA PRO C 42 5.75 19.73 43.26
C PRO C 42 4.73 19.55 42.13
N ILE C 43 3.46 19.75 42.44
CA ILE C 43 2.42 19.74 41.42
C ILE C 43 2.42 21.06 40.65
N SER C 44 2.52 20.98 39.33
CA SER C 44 2.50 22.18 38.49
C SER C 44 1.10 22.76 38.38
N PRO C 45 1.00 24.10 38.25
CA PRO C 45 -0.32 24.72 38.18
C PRO C 45 -1.11 24.31 36.95
N GLN C 46 -0.40 23.99 35.87
CA GLN C 46 -1.03 23.48 34.67
C GLN C 46 -1.69 22.11 34.93
N ALA C 47 -0.98 21.23 35.62
CA ALA C 47 -1.53 19.92 36.01
C ALA C 47 -2.66 20.10 37.06
N MSE C 48 -2.42 20.97 38.03
CA MSE C 48 -3.43 21.19 39.06
C MSE C 48 -4.74 21.76 38.49
O MSE C 48 -5.81 21.56 39.08
CB MSE C 48 -2.90 22.05 40.20
CG MSE C 48 -3.76 21.97 41.44
SE MSE C 48 -3.12 23.09 42.91
CE MSE C 48 -2.16 24.47 41.89
N ALA C 49 -4.66 22.43 37.34
CA ALA C 49 -5.84 23.02 36.73
C ALA C 49 -6.68 21.97 36.05
N ILE C 50 -6.01 20.88 35.67
CA ILE C 50 -6.66 19.75 35.03
C ILE C 50 -7.29 18.79 36.06
N HIS C 51 -6.49 18.25 36.99
CA HIS C 51 -6.99 17.22 37.90
C HIS C 51 -7.53 17.77 39.21
N ARG C 52 -7.16 19.00 39.53
CA ARG C 52 -7.68 19.72 40.69
C ARG C 52 -7.39 18.96 41.98
N ILE C 53 -6.21 18.35 42.00
CA ILE C 53 -5.68 17.79 43.21
C ILE C 53 -4.62 18.73 43.73
N THR C 54 -4.83 19.21 44.95
CA THR C 54 -3.98 20.23 45.54
C THR C 54 -2.89 19.53 46.33
N GLU C 55 -1.89 20.30 46.79
CA GLU C 55 -0.78 19.74 47.56
C GLU C 55 -1.26 19.25 48.91
N ALA C 56 -2.23 19.97 49.49
CA ALA C 56 -2.77 19.58 50.77
C ALA C 56 -3.56 18.27 50.68
N MSE C 57 -4.14 18.00 49.53
CA MSE C 57 -4.91 16.76 49.37
C MSE C 57 -4.01 15.53 49.40
O MSE C 57 -4.45 14.43 49.72
CB MSE C 57 -5.74 16.78 48.08
CG MSE C 57 -7.09 17.45 48.23
SE MSE C 57 -7.86 17.85 46.49
CE MSE C 57 -8.42 16.05 45.98
N VAL C 58 -2.71 15.72 49.12
CA VAL C 58 -1.80 14.58 48.99
C VAL C 58 -0.60 14.59 49.93
N ALA C 59 -0.57 15.58 50.82
CA ALA C 59 0.59 15.85 51.68
C ALA C 59 0.99 14.69 52.59
N ASP C 60 0.00 13.94 53.06
CA ASP C 60 0.24 12.85 54.04
C ASP C 60 -0.04 11.46 53.41
N LYS C 61 0.03 11.37 52.09
CA LYS C 61 -0.37 10.15 51.42
C LYS C 61 0.82 9.23 51.24
N PRO C 62 0.58 7.98 50.89
CA PRO C 62 1.72 7.09 50.63
C PRO C 62 2.46 7.48 49.34
N TRP C 63 3.75 7.15 49.27
CA TRP C 63 4.52 7.26 48.02
C TRP C 63 4.03 6.26 46.99
N ILE C 64 4.32 6.50 45.72
CA ILE C 64 3.88 5.59 44.66
C ILE C 64 4.38 4.15 44.89
N GLU C 65 5.63 4.01 45.34
CA GLU C 65 6.23 2.71 45.64
C GLU C 65 5.41 1.91 46.65
N ASP C 66 4.81 2.62 47.60
CA ASP C 66 4.06 2.01 48.69
C ASP C 66 2.74 1.46 48.19
N VAL C 67 2.27 1.98 47.07
CA VAL C 67 0.88 1.84 46.66
C VAL C 67 0.79 0.97 45.41
N ILE C 68 1.84 1.04 44.59
CA ILE C 68 1.84 0.33 43.32
C ILE C 68 1.64 -1.20 43.40
N PRO C 69 2.14 -1.84 44.48
CA PRO C 69 1.98 -3.30 44.52
C PRO C 69 0.53 -3.78 44.55
N HIS C 70 -0.40 -2.92 44.98
CA HIS C 70 -1.82 -3.27 45.01
C HIS C 70 -2.42 -3.43 43.64
N TYR C 71 -1.73 -2.90 42.63
CA TYR C 71 -2.17 -2.95 41.25
C TYR C 71 -1.54 -4.11 40.47
N TYR C 72 -0.57 -4.80 41.08
CA TYR C 72 -0.07 -6.08 40.52
C TYR C 72 -1.17 -7.11 40.40
N GLY C 73 -0.96 -8.08 39.52
CA GLY C 73 -1.82 -9.27 39.48
C GLY C 73 -2.63 -9.43 38.20
N SER C 74 -2.23 -8.73 37.14
CA SER C 74 -2.91 -8.82 35.85
C SER C 74 -1.93 -9.14 34.72
N GLU C 75 -2.38 -9.89 33.73
CA GLU C 75 -1.58 -10.10 32.52
C GLU C 75 -1.61 -8.89 31.56
N TRP C 76 -2.69 -8.12 31.66
CA TRP C 76 -2.97 -7.03 30.72
C TRP C 76 -3.26 -5.72 31.45
N TYR C 77 -2.48 -4.70 31.15
CA TYR C 77 -2.79 -3.36 31.64
C TYR C 77 -3.20 -2.49 30.48
N VAL C 78 -4.31 -1.78 30.65
CA VAL C 78 -4.90 -1.02 29.57
C VAL C 78 -4.90 0.47 29.99
N ALA C 79 -4.49 1.34 29.09
CA ALA C 79 -4.51 2.76 29.38
C ALA C 79 -4.76 3.53 28.11
N HIS C 80 -5.32 4.73 28.23
CA HIS C 80 -5.52 5.58 27.07
C HIS C 80 -4.28 6.42 26.78
N ASN C 81 -3.58 6.08 25.71
CA ASN C 81 -2.17 6.49 25.53
C ASN C 81 -1.24 5.86 26.56
N ALA C 82 -1.13 4.54 26.51
CA ALA C 82 -0.45 3.74 27.53
C ALA C 82 1.05 4.07 27.61
N SER C 83 1.61 4.51 26.48
CA SER C 83 2.92 5.16 26.43
C SER C 83 3.18 6.06 27.64
N PHE C 84 2.21 6.90 27.95
CA PHE C 84 2.33 7.84 29.05
C PHE C 84 2.39 7.15 30.42
N ASP C 85 1.37 6.36 30.76
CA ASP C 85 1.33 5.70 32.09
C ASP C 85 2.51 4.74 32.31
N ARG C 86 2.87 4.01 31.26
CA ARG C 86 4.01 3.09 31.33
C ARG C 86 5.28 3.84 31.71
N ARG C 87 5.48 5.01 31.12
CA ARG C 87 6.64 5.84 31.44
C ARG C 87 6.64 6.40 32.86
N VAL C 88 5.49 6.89 33.32
CA VAL C 88 5.48 7.66 34.57
C VAL C 88 5.31 6.74 35.79
N LEU C 89 4.83 5.53 35.56
CA LEU C 89 4.65 4.55 36.62
C LEU C 89 5.91 3.71 36.78
N PRO C 90 6.11 3.11 37.97
CA PRO C 90 7.09 2.01 38.12
C PRO C 90 6.74 0.85 37.20
N GLU C 91 7.74 0.03 36.87
CA GLU C 91 7.54 -1.10 35.96
C GLU C 91 6.37 -1.99 36.41
N MSE C 92 5.47 -2.32 35.47
CA MSE C 92 4.33 -3.18 35.76
C MSE C 92 4.58 -4.60 35.22
O MSE C 92 5.30 -4.77 34.24
CB MSE C 92 3.05 -2.61 35.14
CG MSE C 92 2.71 -1.19 35.59
SE MSE C 92 2.50 -1.08 37.54
CE MSE C 92 0.87 -2.13 37.72
N PRO C 93 3.96 -5.62 35.87
CA PRO C 93 4.25 -7.03 35.59
C PRO C 93 3.56 -7.59 34.35
N GLY C 94 2.80 -6.79 33.62
CA GLY C 94 1.98 -7.35 32.54
C GLY C 94 2.37 -6.84 31.16
N GLU C 95 1.43 -6.91 30.23
CA GLU C 95 1.61 -6.33 28.90
C GLU C 95 0.62 -5.16 28.72
N TRP C 96 1.01 -4.16 27.97
CA TRP C 96 0.21 -2.95 27.85
C TRP C 96 -0.67 -2.98 26.61
N ILE C 97 -1.88 -2.47 26.79
CA ILE C 97 -2.78 -2.24 25.68
C ILE C 97 -3.17 -0.75 25.67
N CYS C 98 -3.07 -0.13 24.50
CA CYS C 98 -3.41 1.29 24.37
C CYS C 98 -4.74 1.48 23.65
N THR C 99 -5.73 2.04 24.32
CA THR C 99 -7.02 2.29 23.69
C THR C 99 -6.98 3.42 22.68
N MSE C 100 -5.95 4.25 22.76
CA MSE C 100 -5.77 5.31 21.78
C MSE C 100 -5.35 4.74 20.44
O MSE C 100 -5.94 5.07 19.40
CB MSE C 100 -4.74 6.32 22.26
CG MSE C 100 -4.65 7.55 21.37
SE MSE C 100 -3.14 8.69 21.85
CE MSE C 100 -3.96 9.54 23.37
N LYS C 101 -4.33 3.91 20.45
CA LYS C 101 -3.91 3.23 19.25
C LYS C 101 -5.06 2.40 18.72
N LEU C 102 -5.79 1.73 19.61
CA LEU C 102 -6.89 0.90 19.15
C LEU C 102 -7.97 1.73 18.45
N ALA C 103 -8.33 2.86 19.05
CA ALA C 103 -9.39 3.71 18.50
C ALA C 103 -9.04 4.23 17.11
N ARG C 104 -7.80 4.69 16.97
CA ARG C 104 -7.28 5.22 15.72
C ARG C 104 -7.25 4.16 14.61
N ARG C 105 -6.94 2.93 14.98
CA ARG C 105 -6.93 1.82 14.04
C ARG C 105 -8.35 1.36 13.68
N LEU C 106 -9.26 1.43 14.64
CA LEU C 106 -10.62 0.93 14.42
C LEU C 106 -11.52 1.94 13.69
N TRP C 107 -11.28 3.23 13.92
CA TRP C 107 -12.04 4.30 13.26
C TRP C 107 -11.10 5.36 12.65
N PRO C 108 -10.54 5.07 11.47
CA PRO C 108 -9.51 5.97 10.92
C PRO C 108 -9.96 7.42 10.90
N GLY C 109 -9.09 8.33 11.34
CA GLY C 109 -9.39 9.75 11.30
C GLY C 109 -10.31 10.23 12.40
N ILE C 110 -10.65 9.36 13.34
CA ILE C 110 -11.43 9.76 14.53
C ILE C 110 -10.61 10.65 15.47
N LYS C 111 -11.28 11.55 16.16
CA LYS C 111 -10.61 12.28 17.25
C LYS C 111 -10.40 11.35 18.44
N TYR C 112 -9.23 11.45 19.08
CA TYR C 112 -8.74 10.31 19.84
C TYR C 112 -8.22 10.63 21.24
N SER C 113 -8.61 11.79 21.78
CA SER C 113 -8.52 12.00 23.22
C SER C 113 -9.56 11.15 23.94
N ASN C 114 -9.33 10.89 25.22
CA ASN C 114 -10.19 10.00 25.99
C ASN C 114 -11.65 10.46 25.99
N MSE C 115 -11.88 11.74 26.32
CA MSE C 115 -13.25 12.26 26.43
C MSE C 115 -13.89 12.51 25.06
O MSE C 115 -15.10 12.31 24.89
CB MSE C 115 -13.33 13.51 27.28
CG MSE C 115 -14.81 13.95 27.57
SE MSE C 115 -15.87 12.56 28.51
CE MSE C 115 -17.64 13.41 28.44
N ALA C 116 -13.10 12.91 24.08
CA ALA C 116 -13.63 13.05 22.73
C ALA C 116 -14.18 11.72 22.20
N LEU C 117 -13.45 10.63 22.43
CA LEU C 117 -13.91 9.31 22.04
C LEU C 117 -15.20 8.96 22.78
N TYR C 118 -15.17 9.10 24.10
CA TYR C 118 -16.37 8.82 24.91
C TYR C 118 -17.58 9.60 24.38
N LYS C 119 -17.39 10.89 24.07
CA LYS C 119 -18.48 11.71 23.55
C LYS C 119 -18.97 11.20 22.19
N THR C 120 -18.05 11.01 21.24
CA THR C 120 -18.45 10.61 19.89
C THR C 120 -19.03 9.21 19.81
N ARG C 121 -18.53 8.31 20.65
CA ARG C 121 -18.99 6.93 20.64
C ARG C 121 -20.29 6.81 21.41
N LYS C 122 -20.71 7.92 22.03
CA LYS C 122 -22.01 7.98 22.70
C LYS C 122 -22.10 6.93 23.78
N LEU C 123 -20.99 6.74 24.50
CA LEU C 123 -20.94 5.77 25.58
C LEU C 123 -21.67 6.25 26.82
N ASN C 124 -22.07 5.31 27.65
CA ASN C 124 -22.79 5.65 28.87
C ASN C 124 -22.34 4.66 29.92
N VAL C 125 -21.40 5.09 30.76
CA VAL C 125 -20.96 4.28 31.89
C VAL C 125 -21.46 4.92 33.20
N GLN C 126 -21.78 4.08 34.17
CA GLN C 126 -22.08 4.57 35.51
C GLN C 126 -20.76 4.89 36.17
N THR C 127 -20.50 6.19 36.37
CA THR C 127 -19.28 6.60 37.04
C THR C 127 -19.48 6.64 38.55
N PRO C 128 -18.38 6.56 39.31
CA PRO C 128 -18.50 6.54 40.76
C PRO C 128 -18.82 7.94 41.29
N PRO C 129 -19.45 8.02 42.46
CA PRO C 129 -19.91 9.32 42.96
C PRO C 129 -18.76 10.13 43.55
N GLY C 130 -18.92 11.44 43.59
CA GLY C 130 -17.94 12.29 44.27
C GLY C 130 -16.63 12.47 43.50
N LEU C 131 -16.69 12.36 42.18
CA LEU C 131 -15.50 12.56 41.35
C LEU C 131 -15.82 13.39 40.13
N HIS C 132 -14.81 13.65 39.30
CA HIS C 132 -15.04 14.35 38.05
C HIS C 132 -13.99 13.91 37.04
N HIS C 133 -14.22 14.28 35.79
CA HIS C 133 -13.27 14.08 34.71
C HIS C 133 -11.87 14.51 35.14
N HIS C 134 -10.91 13.62 34.93
CA HIS C 134 -9.51 13.88 35.31
C HIS C 134 -9.22 13.55 36.76
N ARG C 135 -10.16 12.88 37.43
CA ARG C 135 -9.81 12.12 38.62
C ARG C 135 -9.67 10.67 38.21
N ALA C 136 -8.61 10.02 38.69
CA ALA C 136 -8.16 8.77 38.11
C ALA C 136 -9.27 7.73 37.98
N LEU C 137 -10.03 7.47 39.05
CA LEU C 137 -11.05 6.42 39.02
C LEU C 137 -12.16 6.76 38.04
N TYR C 138 -12.49 8.04 37.95
CA TYR C 138 -13.48 8.50 36.99
C TYR C 138 -13.06 8.18 35.56
N ASP C 139 -11.81 8.53 35.23
CA ASP C 139 -11.30 8.29 33.88
C ASP C 139 -11.13 6.80 33.57
N CYS C 140 -10.89 5.99 34.60
CA CYS C 140 -10.83 4.54 34.43
C CYS C 140 -12.15 3.99 33.92
N TYR C 141 -13.26 4.51 34.44
CA TYR C 141 -14.59 4.11 33.98
C TYR C 141 -14.87 4.52 32.55
N ILE C 142 -14.35 5.69 32.16
CA ILE C 142 -14.48 6.17 30.80
C ILE C 142 -13.69 5.25 29.85
N THR C 143 -12.45 4.97 30.22
CA THR C 143 -11.57 4.19 29.37
C THR C 143 -12.05 2.74 29.28
N ALA C 144 -12.52 2.21 30.41
CA ALA C 144 -13.09 0.87 30.43
C ALA C 144 -14.30 0.79 29.51
N ALA C 145 -15.21 1.76 29.63
CA ALA C 145 -16.36 1.81 28.71
C ALA C 145 -15.91 1.87 27.26
N LEU C 146 -14.87 2.66 26.99
CA LEU C 146 -14.32 2.74 25.66
C LEU C 146 -13.73 1.39 25.20
N LEU C 147 -13.07 0.68 26.10
CA LEU C 147 -12.44 -0.57 25.75
C LEU C 147 -13.49 -1.64 25.45
N ILE C 148 -14.57 -1.64 26.22
CA ILE C 148 -15.65 -2.59 26.00
C ILE C 148 -16.29 -2.36 24.64
N ASP C 149 -16.51 -1.09 24.31
CA ASP C 149 -17.01 -0.68 22.99
C ASP C 149 -16.07 -1.15 21.88
N ILE C 150 -14.78 -0.91 22.05
CA ILE C 150 -13.79 -1.34 21.07
C ILE C 150 -13.86 -2.86 20.81
N MSE C 151 -14.04 -3.64 21.88
CA MSE C 151 -14.02 -5.11 21.80
C MSE C 151 -15.28 -5.67 21.15
O MSE C 151 -15.21 -6.63 20.38
CB MSE C 151 -13.85 -5.73 23.20
CG MSE C 151 -12.46 -5.54 23.82
SE MSE C 151 -12.38 -6.07 25.73
CE MSE C 151 -10.43 -6.08 25.93
N ASN C 152 -16.43 -5.09 21.48
CA ASN C 152 -17.69 -5.48 20.83
C ASN C 152 -17.71 -5.09 19.37
N THR C 153 -17.23 -3.87 19.07
CA THR C 153 -17.15 -3.42 17.68
C THR C 153 -16.22 -4.29 16.84
N SER C 154 -15.07 -4.66 17.38
CA SER C 154 -14.00 -5.24 16.55
C SER C 154 -13.97 -6.76 16.63
N GLY C 155 -14.33 -7.30 17.78
CA GLY C 155 -14.06 -8.69 18.09
C GLY C 155 -12.59 -9.00 18.34
N TRP C 156 -11.80 -7.98 18.65
CA TRP C 156 -10.39 -8.20 18.99
C TRP C 156 -10.22 -8.86 20.36
N THR C 157 -9.23 -9.73 20.47
CA THR C 157 -8.90 -10.36 21.75
C THR C 157 -7.84 -9.53 22.42
N ALA C 158 -7.57 -9.83 23.68
CA ALA C 158 -6.48 -9.21 24.41
C ALA C 158 -5.16 -9.29 23.63
N GLU C 159 -4.91 -10.44 23.01
CA GLU C 159 -3.69 -10.69 22.24
C GLU C 159 -3.59 -9.81 20.99
N GLN C 160 -4.69 -9.73 20.24
CA GLN C 160 -4.70 -8.94 19.02
C GLN C 160 -4.46 -7.49 19.37
N MSE C 161 -5.07 -7.07 20.47
CA MSE C 161 -5.02 -5.68 20.90
C MSE C 161 -3.62 -5.28 21.35
O MSE C 161 -3.17 -4.16 21.07
CB MSE C 161 -6.04 -5.43 22.03
CG MSE C 161 -7.46 -5.44 21.55
SE MSE C 161 -8.73 -4.87 22.90
CE MSE C 161 -8.86 -6.56 23.92
N ALA C 162 -2.95 -6.20 22.06
CA ALA C 162 -1.56 -6.02 22.45
C ALA C 162 -0.65 -5.93 21.23
N ASP C 163 -0.96 -6.73 20.20
CA ASP C 163 -0.18 -6.73 18.96
C ASP C 163 -0.31 -5.41 18.23
N ILE C 164 -1.55 -4.98 17.99
CA ILE C 164 -1.83 -3.64 17.47
C ILE C 164 -1.14 -2.53 18.29
N THR C 165 -1.16 -2.65 19.62
CA THR C 165 -0.48 -1.68 20.49
C THR C 165 1.02 -1.63 20.19
N GLY C 166 1.60 -2.77 19.85
CA GLY C 166 3.00 -2.83 19.42
C GLY C 166 3.97 -3.07 20.57
N MSE D 1 -8.60 0.31 -38.17
CA MSE D 1 -7.47 -0.66 -38.36
C MSE D 1 -6.22 -0.16 -37.66
O MSE D 1 -5.80 0.98 -37.86
CB MSE D 1 -7.18 -0.89 -39.83
CG MSE D 1 -6.11 -1.95 -40.08
SE MSE D 1 -4.28 -1.22 -40.06
CE MSE D 1 -4.27 -0.58 -41.90
N LEU D 2 -5.63 -1.02 -36.83
CA LEU D 2 -4.35 -0.72 -36.21
C LEU D 2 -3.28 -1.66 -36.72
N ARG D 3 -2.09 -1.10 -36.93
CA ARG D 3 -0.99 -1.88 -37.47
C ARG D 3 0.05 -2.10 -36.39
N ILE D 4 0.25 -3.37 -36.01
CA ILE D 4 1.28 -3.75 -35.04
C ILE D 4 2.62 -3.84 -35.76
N ILE D 5 3.63 -3.19 -35.21
CA ILE D 5 4.98 -3.21 -35.81
C ILE D 5 5.94 -3.83 -34.81
N ASP D 6 6.85 -4.69 -35.28
CA ASP D 6 7.99 -5.13 -34.47
C ASP D 6 9.29 -5.04 -35.28
N THR D 7 10.40 -4.73 -34.63
CA THR D 7 11.68 -4.62 -35.30
C THR D 7 12.68 -5.50 -34.53
N GLU D 8 13.48 -6.28 -35.24
CA GLU D 8 14.69 -6.86 -34.62
C GLU D 8 15.90 -6.05 -35.06
N THR D 9 16.92 -5.96 -34.20
CA THR D 9 17.97 -4.98 -34.41
C THR D 9 19.36 -5.54 -34.10
N CYS D 10 20.38 -4.74 -34.39
CA CYS D 10 21.73 -5.12 -34.03
C CYS D 10 22.01 -5.02 -32.56
N GLY D 11 21.14 -4.29 -31.85
CA GLY D 11 21.28 -4.07 -30.42
C GLY D 11 20.38 -2.93 -30.00
N LEU D 12 20.61 -2.41 -28.81
CA LEU D 12 19.71 -1.43 -28.22
C LEU D 12 19.90 -0.02 -28.77
N GLN D 13 20.91 0.16 -29.62
CA GLN D 13 21.12 1.47 -30.23
C GLN D 13 20.49 1.56 -31.62
N GLY D 14 19.96 0.45 -32.10
CA GLY D 14 19.43 0.41 -33.46
C GLY D 14 20.28 -0.42 -34.41
N GLY D 15 20.16 -0.13 -35.71
CA GLY D 15 20.56 -1.10 -36.74
C GLY D 15 19.47 -2.13 -36.93
N ILE D 16 18.83 -2.12 -38.09
CA ILE D 16 17.67 -2.96 -38.33
C ILE D 16 18.05 -4.23 -39.07
N VAL D 17 17.70 -5.38 -38.50
CA VAL D 17 17.87 -6.67 -39.19
C VAL D 17 16.56 -7.28 -39.69
N GLU D 18 15.44 -6.96 -39.04
CA GLU D 18 14.13 -7.43 -39.49
C GLU D 18 13.05 -6.44 -39.10
N ILE D 19 12.02 -6.32 -39.94
CA ILE D 19 10.82 -5.60 -39.55
C ILE D 19 9.62 -6.44 -39.95
N ALA D 20 8.51 -6.27 -39.24
CA ALA D 20 7.31 -7.05 -39.52
C ALA D 20 6.09 -6.31 -39.05
N SER D 21 4.93 -6.65 -39.60
CA SER D 21 3.67 -6.04 -39.17
C SER D 21 2.49 -7.00 -39.34
N VAL D 22 1.50 -6.84 -38.48
CA VAL D 22 0.16 -7.38 -38.73
C VAL D 22 -0.84 -6.28 -38.47
N ASP D 23 -2.03 -6.44 -39.05
CA ASP D 23 -3.10 -5.49 -38.84
C ASP D 23 -4.17 -6.14 -38.00
N VAL D 24 -4.76 -5.36 -37.11
CA VAL D 24 -5.90 -5.82 -36.37
C VAL D 24 -7.12 -5.08 -36.89
N ILE D 25 -8.07 -5.84 -37.43
CA ILE D 25 -9.32 -5.30 -37.92
C ILE D 25 -10.48 -6.07 -37.30
N ASP D 26 -11.39 -5.36 -36.64
CA ASP D 26 -12.54 -6.00 -36.00
C ASP D 26 -12.12 -7.18 -35.12
N GLY D 27 -11.07 -6.99 -34.33
CA GLY D 27 -10.61 -8.02 -33.41
C GLY D 27 -9.96 -9.20 -34.11
N LYS D 28 -9.76 -9.09 -35.43
CA LYS D 28 -9.07 -10.14 -36.20
C LYS D 28 -7.67 -9.70 -36.65
N ILE D 29 -6.74 -10.65 -36.74
CA ILE D 29 -5.38 -10.37 -37.18
C ILE D 29 -5.22 -10.79 -38.64
N VAL D 30 -4.89 -9.81 -39.50
CA VAL D 30 -4.81 -10.03 -40.94
C VAL D 30 -3.53 -9.43 -41.50
N ASN D 31 -3.29 -9.65 -42.79
CA ASN D 31 -2.22 -8.95 -43.54
C ASN D 31 -0.84 -8.98 -42.89
N PRO D 32 -0.33 -10.19 -42.56
CA PRO D 32 1.06 -10.34 -42.10
C PRO D 32 2.06 -9.91 -43.16
N MSE D 33 3.13 -9.23 -42.72
CA MSE D 33 4.19 -8.77 -43.61
C MSE D 33 5.52 -8.76 -42.83
O MSE D 33 5.55 -8.39 -41.68
CB MSE D 33 3.91 -7.35 -44.11
CG MSE D 33 3.16 -7.26 -45.41
SE MSE D 33 2.78 -5.37 -45.91
CE MSE D 33 4.56 -4.63 -45.68
N SER D 34 6.61 -9.11 -43.50
CA SER D 34 7.91 -9.04 -42.86
C SER D 34 9.02 -8.88 -43.90
N HIS D 35 10.10 -8.20 -43.52
CA HIS D 35 11.30 -8.12 -44.35
C HIS D 35 12.51 -8.31 -43.48
N LEU D 36 13.43 -9.16 -43.93
CA LEU D 36 14.82 -9.10 -43.45
C LEU D 36 15.52 -7.89 -44.03
N VAL D 37 16.39 -7.27 -43.22
CA VAL D 37 16.92 -5.96 -43.55
C VAL D 37 18.42 -5.96 -43.36
N ARG D 38 19.13 -5.31 -44.28
CA ARG D 38 20.58 -5.12 -44.13
C ARG D 38 20.84 -3.97 -43.16
N PRO D 39 21.50 -4.25 -42.04
CA PRO D 39 21.63 -3.20 -41.03
C PRO D 39 22.83 -2.28 -41.33
N ASP D 40 22.86 -1.12 -40.68
CA ASP D 40 23.90 -0.15 -40.95
C ASP D 40 25.09 -0.29 -39.99
N ARG D 41 25.14 -1.41 -39.27
CA ARG D 41 26.23 -1.71 -38.32
C ARG D 41 26.33 -3.23 -38.03
N PRO D 42 27.40 -3.65 -37.35
CA PRO D 42 27.51 -5.07 -36.98
C PRO D 42 26.38 -5.50 -36.05
N ILE D 43 25.92 -6.73 -36.19
CA ILE D 43 24.98 -7.35 -35.26
C ILE D 43 25.70 -7.81 -33.98
N SER D 44 25.33 -7.25 -32.83
CA SER D 44 25.96 -7.62 -31.55
C SER D 44 25.66 -9.08 -31.19
N PRO D 45 26.64 -9.78 -30.60
CA PRO D 45 26.39 -11.18 -30.20
C PRO D 45 25.21 -11.29 -29.24
N GLN D 46 25.02 -10.26 -28.42
CA GLN D 46 23.90 -10.24 -27.49
C GLN D 46 22.57 -10.23 -28.25
N ALA D 47 22.48 -9.43 -29.29
CA ALA D 47 21.26 -9.35 -30.08
C ALA D 47 21.03 -10.64 -30.84
N MSE D 48 22.12 -11.20 -31.38
CA MSE D 48 22.00 -12.38 -32.22
C MSE D 48 21.52 -13.59 -31.42
O MSE D 48 20.83 -14.45 -31.94
CB MSE D 48 23.32 -12.69 -32.93
CG MSE D 48 23.18 -13.78 -33.99
SE MSE D 48 24.78 -13.99 -35.08
CE MSE D 48 24.95 -12.20 -35.83
N ALA D 49 21.85 -13.59 -30.13
CA ALA D 49 21.43 -14.65 -29.23
C ALA D 49 19.92 -14.58 -29.00
N ILE D 50 19.37 -13.37 -29.11
CA ILE D 50 17.95 -13.17 -28.93
C ILE D 50 17.18 -13.53 -30.21
N HIS D 51 17.47 -12.83 -31.31
CA HIS D 51 16.71 -13.01 -32.56
C HIS D 51 17.22 -14.11 -33.48
N ARG D 52 18.49 -14.48 -33.32
CA ARG D 52 19.13 -15.53 -34.13
C ARG D 52 19.26 -15.19 -35.62
N ILE D 53 19.24 -13.92 -35.97
CA ILE D 53 19.49 -13.53 -37.36
C ILE D 53 20.97 -13.23 -37.56
N THR D 54 21.57 -13.83 -38.59
CA THR D 54 23.04 -13.81 -38.78
C THR D 54 23.44 -12.77 -39.83
N GLU D 55 24.74 -12.50 -39.94
CA GLU D 55 25.20 -11.53 -40.92
C GLU D 55 24.89 -12.04 -42.30
N ALA D 56 25.10 -13.34 -42.51
CA ALA D 56 24.89 -13.99 -43.81
C ALA D 56 23.43 -13.95 -44.26
N MSE D 57 22.51 -14.03 -43.31
CA MSE D 57 21.08 -13.89 -43.60
C MSE D 57 20.66 -12.52 -44.11
O MSE D 57 19.65 -12.40 -44.79
CB MSE D 57 20.25 -14.28 -42.39
CG MSE D 57 20.16 -15.78 -42.18
SE MSE D 57 19.48 -16.23 -40.42
CE MSE D 57 17.58 -15.78 -40.68
N VAL D 58 21.42 -11.49 -43.79
CA VAL D 58 21.00 -10.12 -44.08
C VAL D 58 21.93 -9.40 -45.06
N ALA D 59 23.00 -10.07 -45.47
CA ALA D 59 24.05 -9.44 -46.28
C ALA D 59 23.59 -8.90 -47.62
N ASP D 60 22.62 -9.58 -48.25
CA ASP D 60 22.14 -9.17 -49.57
C ASP D 60 20.75 -8.51 -49.55
N LYS D 61 20.27 -8.18 -48.36
CA LYS D 61 18.91 -7.66 -48.19
C LYS D 61 18.87 -6.14 -48.41
N PRO D 62 17.68 -5.57 -48.63
CA PRO D 62 17.62 -4.13 -48.81
C PRO D 62 17.82 -3.40 -47.48
N TRP D 63 18.30 -2.14 -47.56
CA TRP D 63 18.32 -1.22 -46.42
C TRP D 63 16.91 -0.89 -45.90
N ILE D 64 16.82 -0.41 -44.68
CA ILE D 64 15.51 -0.13 -44.07
C ILE D 64 14.69 0.91 -44.85
N GLU D 65 15.35 1.92 -45.42
CA GLU D 65 14.64 2.93 -46.22
C GLU D 65 14.04 2.36 -47.49
N ASP D 66 14.62 1.30 -48.01
CA ASP D 66 14.13 0.65 -49.24
C ASP D 66 12.82 -0.09 -48.98
N VAL D 67 12.63 -0.49 -47.73
CA VAL D 67 11.64 -1.48 -47.38
C VAL D 67 10.48 -0.83 -46.64
N ILE D 68 10.76 0.26 -45.93
CA ILE D 68 9.84 0.83 -44.95
C ILE D 68 8.51 1.33 -45.54
N PRO D 69 8.53 1.81 -46.81
CA PRO D 69 7.28 2.30 -47.42
C PRO D 69 6.20 1.23 -47.56
N HIS D 70 6.60 -0.04 -47.52
CA HIS D 70 5.62 -1.14 -47.50
C HIS D 70 4.74 -1.12 -46.26
N TYR D 71 5.21 -0.49 -45.21
CA TYR D 71 4.45 -0.41 -43.95
C TYR D 71 3.66 0.91 -43.80
N TYR D 72 3.69 1.73 -44.86
CA TYR D 72 2.83 2.92 -44.89
C TYR D 72 1.40 2.46 -45.10
N GLY D 73 0.44 3.30 -44.74
CA GLY D 73 -0.95 3.00 -45.06
C GLY D 73 -1.83 2.74 -43.84
N SER D 74 -1.30 3.00 -42.65
CA SER D 74 -2.10 2.89 -41.43
C SER D 74 -2.08 4.22 -40.69
N GLU D 75 -3.16 4.53 -40.00
CA GLU D 75 -3.22 5.71 -39.13
C GLU D 75 -2.61 5.44 -37.76
N TRP D 76 -2.59 4.17 -37.36
CA TRP D 76 -2.09 3.81 -36.05
C TRP D 76 -0.98 2.78 -36.12
N TYR D 77 0.12 3.05 -35.40
CA TYR D 77 1.20 2.09 -35.31
C TYR D 77 1.37 1.65 -33.87
N VAL D 78 1.16 0.34 -33.65
CA VAL D 78 1.22 -0.23 -32.32
C VAL D 78 2.52 -1.00 -32.12
N ALA D 79 3.16 -0.82 -30.99
CA ALA D 79 4.36 -1.60 -30.67
C ALA D 79 4.45 -1.74 -29.18
N HIS D 80 5.10 -2.82 -28.74
CA HIS D 80 5.33 -3.04 -27.32
C HIS D 80 6.64 -2.39 -26.92
N ASN D 81 6.55 -1.40 -26.05
CA ASN D 81 7.58 -0.37 -25.95
C ASN D 81 7.79 0.42 -27.25
N ALA D 82 6.74 1.11 -27.69
CA ALA D 82 6.80 1.83 -28.97
C ALA D 82 7.92 2.86 -29.03
N SER D 83 8.32 3.42 -27.90
CA SER D 83 9.50 4.29 -27.85
C SER D 83 10.70 3.68 -28.57
N PHE D 84 10.95 2.40 -28.31
CA PHE D 84 12.08 1.72 -28.91
C PHE D 84 11.96 1.76 -30.42
N ASP D 85 10.85 1.24 -30.94
CA ASP D 85 10.66 1.05 -32.37
C ASP D 85 10.63 2.40 -33.09
N ARG D 86 10.06 3.38 -32.43
CA ARG D 86 10.01 4.72 -32.98
C ARG D 86 11.42 5.35 -33.09
N ARG D 87 12.26 5.08 -32.10
CA ARG D 87 13.61 5.60 -32.08
C ARG D 87 14.44 4.98 -33.23
N VAL D 88 14.33 3.67 -33.41
CA VAL D 88 15.26 2.95 -34.29
C VAL D 88 14.83 2.94 -35.75
N LEU D 89 13.52 3.14 -35.99
CA LEU D 89 12.96 3.18 -37.35
C LEU D 89 13.02 4.58 -37.91
N PRO D 90 12.99 4.69 -39.25
CA PRO D 90 12.68 5.97 -39.90
C PRO D 90 11.28 6.43 -39.52
N GLU D 91 10.97 7.70 -39.80
CA GLU D 91 9.69 8.29 -39.47
C GLU D 91 8.51 7.54 -40.12
N MSE D 92 7.47 7.30 -39.34
CA MSE D 92 6.26 6.66 -39.83
C MSE D 92 5.10 7.67 -39.92
O MSE D 92 5.02 8.60 -39.11
CB MSE D 92 5.85 5.52 -38.91
CG MSE D 92 6.94 4.48 -38.70
SE MSE D 92 7.34 3.46 -40.32
CE MSE D 92 5.61 2.62 -40.61
N PRO D 93 4.18 7.45 -40.88
CA PRO D 93 3.11 8.39 -41.18
C PRO D 93 1.85 8.09 -40.39
N GLY D 94 1.95 7.93 -39.08
CA GLY D 94 0.76 7.77 -38.25
C GLY D 94 1.06 7.99 -36.78
N GLU D 95 0.08 7.72 -35.93
CA GLU D 95 0.29 7.87 -34.48
C GLU D 95 0.69 6.56 -33.83
N TRP D 96 1.50 6.68 -32.79
CA TRP D 96 2.07 5.54 -32.12
C TRP D 96 1.23 5.16 -30.92
N ILE D 97 1.14 3.86 -30.67
CA ILE D 97 0.50 3.35 -29.48
C ILE D 97 1.44 2.32 -28.83
N CYS D 98 1.65 2.47 -27.53
CA CYS D 98 2.48 1.54 -26.80
C CYS D 98 1.64 0.58 -25.94
N THR D 99 1.67 -0.71 -26.29
CA THR D 99 0.95 -1.72 -25.52
C THR D 99 1.56 -1.91 -24.13
N MSE D 100 2.82 -1.53 -23.97
CA MSE D 100 3.49 -1.66 -22.67
C MSE D 100 3.00 -0.61 -21.67
O MSE D 100 2.73 -0.93 -20.50
CB MSE D 100 5.01 -1.59 -22.80
CG MSE D 100 5.75 -1.62 -21.46
SE MSE D 100 7.70 -1.72 -21.58
CE MSE D 100 8.14 0.17 -21.35
N LYS D 101 2.97 0.66 -22.10
CA LYS D 101 2.33 1.72 -21.33
C LYS D 101 0.86 1.42 -21.04
N LEU D 102 0.17 0.86 -22.03
CA LEU D 102 -1.24 0.55 -21.83
C LEU D 102 -1.41 -0.52 -20.76
N ALA D 103 -0.60 -1.58 -20.86
CA ALA D 103 -0.69 -2.69 -19.91
C ALA D 103 -0.35 -2.23 -18.48
N ARG D 104 0.71 -1.42 -18.34
CA ARG D 104 1.10 -0.93 -17.02
C ARG D 104 0.02 -0.05 -16.39
N ARG D 105 -0.65 0.74 -17.23
CA ARG D 105 -1.77 1.58 -16.80
C ARG D 105 -2.95 0.70 -16.38
N LEU D 106 -3.16 -0.39 -17.10
CA LEU D 106 -4.28 -1.32 -16.86
C LEU D 106 -4.00 -2.31 -15.72
N TRP D 107 -2.78 -2.79 -15.63
CA TRP D 107 -2.44 -3.85 -14.71
C TRP D 107 -1.13 -3.57 -14.00
N PRO D 108 -1.14 -2.61 -13.07
CA PRO D 108 0.10 -2.14 -12.44
C PRO D 108 0.79 -3.23 -11.64
N GLY D 109 2.13 -3.20 -11.62
CA GLY D 109 2.92 -4.13 -10.81
C GLY D 109 3.01 -5.54 -11.39
N ILE D 110 2.24 -5.79 -12.44
CA ILE D 110 2.42 -6.98 -13.30
C ILE D 110 3.79 -6.87 -14.01
N LYS D 111 4.46 -8.01 -14.22
CA LYS D 111 5.58 -8.08 -15.19
C LYS D 111 5.10 -7.77 -16.61
N TYR D 112 5.80 -6.89 -17.31
CA TYR D 112 5.20 -6.22 -18.48
C TYR D 112 5.98 -6.33 -19.78
N SER D 113 6.79 -7.38 -19.91
CA SER D 113 7.34 -7.76 -21.21
C SER D 113 6.23 -8.32 -22.11
N ASN D 114 6.51 -8.36 -23.40
CA ASN D 114 5.53 -8.82 -24.37
C ASN D 114 4.96 -10.18 -24.00
N MSE D 115 5.86 -11.14 -23.79
CA MSE D 115 5.47 -12.53 -23.56
C MSE D 115 4.97 -12.81 -22.13
O MSE D 115 4.16 -13.69 -21.93
CB MSE D 115 6.60 -13.50 -23.93
CG MSE D 115 6.19 -14.97 -23.89
SE MSE D 115 4.83 -15.40 -25.24
CE MSE D 115 6.02 -15.68 -26.77
N ALA D 116 5.39 -12.00 -21.15
CA ALA D 116 4.82 -12.15 -19.79
C ALA D 116 3.34 -11.78 -19.78
N LEU D 117 3.00 -10.68 -20.45
CA LEU D 117 1.62 -10.23 -20.53
C LEU D 117 0.75 -11.24 -21.27
N TYR D 118 1.28 -11.73 -22.39
CA TYR D 118 0.60 -12.76 -23.16
C TYR D 118 0.30 -13.97 -22.29
N LYS D 119 1.27 -14.38 -21.48
CA LYS D 119 1.07 -15.51 -20.60
C LYS D 119 0.10 -15.20 -19.46
N THR D 120 0.34 -14.12 -18.74
CA THR D 120 -0.50 -13.73 -17.62
C THR D 120 -1.96 -13.51 -18.02
N ARG D 121 -2.19 -13.05 -19.25
CA ARG D 121 -3.55 -12.77 -19.70
C ARG D 121 -4.17 -14.01 -20.35
N LYS D 122 -3.42 -15.10 -20.36
CA LYS D 122 -3.92 -16.38 -20.88
C LYS D 122 -4.45 -16.22 -22.30
N LEU D 123 -3.64 -15.61 -23.15
CA LEU D 123 -4.05 -15.36 -24.53
C LEU D 123 -3.63 -16.51 -25.42
N ASN D 124 -4.30 -16.64 -26.56
CA ASN D 124 -4.04 -17.72 -27.51
C ASN D 124 -4.40 -17.23 -28.90
N VAL D 125 -3.39 -16.99 -29.74
CA VAL D 125 -3.65 -16.79 -31.16
C VAL D 125 -2.85 -17.74 -32.02
N GLN D 126 -3.35 -17.99 -33.22
CA GLN D 126 -2.61 -18.72 -34.22
C GLN D 126 -1.32 -17.96 -34.58
N THR D 127 -0.19 -18.59 -34.29
CA THR D 127 1.10 -17.98 -34.56
C THR D 127 1.69 -18.59 -35.81
N PRO D 128 2.65 -17.88 -36.44
CA PRO D 128 3.20 -18.33 -37.70
C PRO D 128 4.36 -19.30 -37.50
N PRO D 129 4.22 -20.54 -38.02
CA PRO D 129 5.29 -21.54 -38.05
C PRO D 129 6.48 -21.12 -38.91
N GLY D 130 7.60 -21.82 -38.79
CA GLY D 130 8.85 -21.39 -39.41
C GLY D 130 9.64 -20.34 -38.63
N LEU D 131 9.01 -19.76 -37.60
CA LEU D 131 9.65 -18.71 -36.82
C LEU D 131 9.67 -19.10 -35.34
N HIS D 132 10.19 -18.20 -34.51
CA HIS D 132 10.20 -18.42 -33.07
C HIS D 132 10.04 -17.07 -32.41
N HIS D 133 9.89 -17.08 -31.08
CA HIS D 133 9.83 -15.84 -30.30
C HIS D 133 11.10 -15.03 -30.59
N HIS D 134 10.92 -13.73 -30.83
CA HIS D 134 12.05 -12.83 -31.16
C HIS D 134 12.40 -12.80 -32.65
N ARG D 135 11.60 -13.45 -33.48
CA ARG D 135 11.52 -13.05 -34.86
C ARG D 135 10.37 -12.06 -35.02
N ALA D 136 10.51 -11.11 -35.93
CA ALA D 136 9.67 -9.92 -35.89
C ALA D 136 8.20 -10.24 -36.09
N LEU D 137 7.91 -11.11 -37.07
CA LEU D 137 6.52 -11.41 -37.43
C LEU D 137 5.83 -12.20 -36.32
N TYR D 138 6.57 -13.13 -35.72
CA TYR D 138 6.08 -13.87 -34.58
C TYR D 138 5.65 -12.94 -33.46
N ASP D 139 6.52 -12.01 -33.08
CA ASP D 139 6.22 -11.16 -31.94
C ASP D 139 5.07 -10.19 -32.24
N CYS D 140 4.86 -9.90 -33.53
CA CYS D 140 3.69 -9.13 -33.99
C CYS D 140 2.38 -9.80 -33.63
N TYR D 141 2.29 -11.11 -33.83
CA TYR D 141 1.07 -11.83 -33.45
C TYR D 141 0.85 -11.77 -31.96
N ILE D 142 1.93 -11.90 -31.20
CA ILE D 142 1.85 -11.86 -29.75
C ILE D 142 1.34 -10.49 -29.28
N THR D 143 1.87 -9.43 -29.88
CA THR D 143 1.50 -8.07 -29.52
C THR D 143 0.09 -7.71 -29.99
N ALA D 144 -0.29 -8.22 -31.15
CA ALA D 144 -1.64 -7.97 -31.66
C ALA D 144 -2.67 -8.60 -30.73
N ALA D 145 -2.37 -9.80 -30.26
CA ALA D 145 -3.23 -10.48 -29.31
C ALA D 145 -3.40 -9.63 -28.04
N LEU D 146 -2.29 -9.18 -27.48
CA LEU D 146 -2.29 -8.27 -26.34
C LEU D 146 -3.12 -7.00 -26.60
N LEU D 147 -2.88 -6.34 -27.73
CA LEU D 147 -3.68 -5.17 -28.06
C LEU D 147 -5.19 -5.46 -28.02
N ILE D 148 -5.62 -6.49 -28.73
CA ILE D 148 -7.03 -6.89 -28.78
C ILE D 148 -7.60 -7.08 -27.37
N ASP D 149 -6.79 -7.70 -26.51
CA ASP D 149 -7.20 -7.96 -25.15
C ASP D 149 -7.24 -6.67 -24.32
N ILE D 150 -6.26 -5.80 -24.51
CA ILE D 150 -6.31 -4.47 -23.92
C ILE D 150 -7.57 -3.69 -24.36
N MSE D 151 -7.97 -3.83 -25.62
CA MSE D 151 -9.11 -3.10 -26.16
C MSE D 151 -10.46 -3.58 -25.59
O MSE D 151 -11.34 -2.77 -25.30
CB MSE D 151 -9.13 -3.15 -27.70
CG MSE D 151 -8.11 -2.24 -28.37
SE MSE D 151 -7.97 -2.42 -30.33
CE MSE D 151 -9.69 -1.61 -30.81
N ASN D 152 -10.59 -4.89 -25.42
CA ASN D 152 -11.83 -5.46 -24.86
C ASN D 152 -11.99 -5.18 -23.38
N THR D 153 -10.92 -5.42 -22.62
CA THR D 153 -10.84 -5.05 -21.23
C THR D 153 -11.20 -3.59 -21.00
N SER D 154 -10.52 -2.70 -21.71
CA SER D 154 -10.49 -1.30 -21.37
C SER D 154 -11.67 -0.57 -21.99
N GLY D 155 -12.03 -1.00 -23.19
CA GLY D 155 -12.93 -0.24 -24.04
C GLY D 155 -12.34 1.01 -24.64
N TRP D 156 -11.02 1.20 -24.52
CA TRP D 156 -10.37 2.41 -25.06
C TRP D 156 -10.41 2.45 -26.57
N THR D 157 -10.62 3.64 -27.12
CA THR D 157 -10.50 3.85 -28.56
C THR D 157 -9.04 4.07 -28.96
N ALA D 158 -8.78 3.93 -30.25
CA ALA D 158 -7.48 4.22 -30.84
C ALA D 158 -6.96 5.58 -30.38
N GLU D 159 -7.77 6.62 -30.54
CA GLU D 159 -7.40 7.98 -30.13
C GLU D 159 -7.00 8.05 -28.65
N GLN D 160 -7.80 7.42 -27.79
CA GLN D 160 -7.49 7.39 -26.36
C GLN D 160 -6.18 6.65 -26.09
N MSE D 161 -6.00 5.51 -26.74
CA MSE D 161 -4.75 4.78 -26.62
C MSE D 161 -3.53 5.61 -27.05
O MSE D 161 -2.50 5.58 -26.38
CB MSE D 161 -4.82 3.45 -27.35
CG MSE D 161 -5.77 2.47 -26.69
SE MSE D 161 -5.64 0.69 -27.43
CE MSE D 161 -6.58 0.97 -29.11
N ALA D 162 -3.66 6.34 -28.14
CA ALA D 162 -2.60 7.27 -28.57
C ALA D 162 -2.36 8.41 -27.58
N ASP D 163 -3.43 8.88 -26.91
CA ASP D 163 -3.30 9.95 -25.92
C ASP D 163 -2.53 9.49 -24.67
N ILE D 164 -2.88 8.31 -24.17
CA ILE D 164 -2.15 7.67 -23.07
C ILE D 164 -0.67 7.47 -23.42
N THR D 165 -0.40 7.14 -24.68
CA THR D 165 0.97 6.83 -25.11
C THR D 165 1.87 8.08 -25.16
N GLY D 166 1.33 9.21 -25.59
CA GLY D 166 1.99 10.52 -25.42
C GLY D 166 1.98 11.44 -26.62
NA NA E . -4.52 9.12 31.54
NA NA F . 10.01 -5.27 -29.99
NA NA G . -6.96 11.00 33.43
NA NA H . 10.59 -8.82 -30.87
#